data_1KSH
#
_entry.id   1KSH
#
_cell.length_a   44.454
_cell.length_b   65.395
_cell.length_c   104.409
_cell.angle_alpha   90.00
_cell.angle_beta   90.00
_cell.angle_gamma   90.00
#
_symmetry.space_group_name_H-M   'P 21 21 21'
#
loop_
_entity.id
_entity.type
_entity.pdbx_description
1 polymer 'arf-like protein 2'
2 polymer "RETINAL ROD RHODOPSIN-SENSITIVE CGMP 3',5'-CYCLIC PHOSPHODIESTERASE DELTA-SUBUNIT"
3 non-polymer 'MAGNESIUM ION'
4 non-polymer 'PHOSPHATE ION'
5 non-polymer "GUANOSINE-5'-DIPHOSPHATE"
6 water water
#
loop_
_entity_poly.entity_id
_entity_poly.type
_entity_poly.pdbx_seq_one_letter_code
_entity_poly.pdbx_strand_id
1 'polypeptide(L)'
;GSMGLLTILKKMKQKERELRLLMLGLDNAGKTTILKKFNGEDVDTISPTLGFNIKTLEHRGFKLNIWDVGGQKSLRSYWR
NYFESTDGLIWVVDSADRQRMQDCQRELQSLLVEERLAGATLLIFANKQDLPGALS(CME)NAIQEALELDSIRSHHWRI
QGCSAVTGEDLLPGIDWLLDDISSRVFTAD
;
A
2 'polypeptide(L)'
;GSMSAKDERAREILRGFKLNWMNLRDAETGKILWQGTEDLSVPGVEHEARVPKKILKCKAVSRELNFSSTEQMEKFRLEQ
KVYFKGQ(CME)LEEWFFEFGFVIPNSTNTWQSLIEAAPESQMMPASVLTGNVIIETKFFDDDLLVSTSRVRLFYV
;
B
#
loop_
_chem_comp.id
_chem_comp.type
_chem_comp.name
_chem_comp.formula
GDP RNA linking GUANOSINE-5'-DIPHOSPHATE 'C10 H15 N5 O11 P2'
MG non-polymer 'MAGNESIUM ION' 'Mg 2'
PO4 non-polymer 'PHOSPHATE ION' 'O4 P -3'
#
# COMPACT_ATOMS: atom_id res chain seq x y z
N ARG A 17 -4.05 -13.26 -13.55
CA ARG A 17 -2.86 -12.76 -12.81
C ARG A 17 -3.23 -11.59 -11.91
N GLU A 18 -2.34 -11.24 -10.99
CA GLU A 18 -2.61 -10.12 -10.09
C GLU A 18 -2.51 -8.83 -10.91
N LEU A 19 -3.23 -7.80 -10.48
CA LEU A 19 -3.15 -6.52 -11.18
C LEU A 19 -2.42 -5.55 -10.29
N ARG A 20 -1.55 -4.75 -10.89
CA ARG A 20 -0.81 -3.76 -10.12
C ARG A 20 -1.36 -2.37 -10.43
N LEU A 21 -1.85 -1.71 -9.40
CA LEU A 21 -2.40 -0.37 -9.54
C LEU A 21 -1.49 0.61 -8.82
N LEU A 22 -1.07 1.66 -9.51
CA LEU A 22 -0.20 2.65 -8.93
C LEU A 22 -1.00 3.93 -8.69
N MET A 23 -1.10 4.34 -7.43
CA MET A 23 -1.86 5.55 -7.09
C MET A 23 -0.90 6.68 -6.71
N LEU A 24 -0.92 7.72 -7.54
CA LEU A 24 -0.05 8.86 -7.38
C LEU A 24 -0.89 10.12 -7.39
N GLY A 25 -0.22 11.25 -7.19
CA GLY A 25 -0.91 12.53 -7.15
C GLY A 25 -0.14 13.41 -6.20
N LEU A 26 -0.42 14.70 -6.23
CA LEU A 26 0.27 15.61 -5.33
C LEU A 26 -0.03 15.24 -3.89
N ASP A 27 0.85 15.67 -2.98
CA ASP A 27 0.63 15.43 -1.56
C ASP A 27 -0.68 16.14 -1.19
N ASN A 28 -1.41 15.57 -0.24
CA ASN A 28 -2.68 16.12 0.22
C ASN A 28 -3.87 15.89 -0.73
N ALA A 29 -3.64 15.19 -1.84
CA ALA A 29 -4.74 14.91 -2.77
C ALA A 29 -5.77 13.96 -2.14
N GLY A 30 -5.31 13.14 -1.21
CA GLY A 30 -6.20 12.21 -0.54
C GLY A 30 -6.00 10.75 -0.91
N LYS A 31 -4.82 10.44 -1.47
CA LYS A 31 -4.50 9.08 -1.88
C LYS A 31 -4.67 8.05 -0.77
N THR A 32 -4.05 8.30 0.38
CA THR A 32 -4.12 7.36 1.49
C THR A 32 -5.51 7.19 2.06
N THR A 33 -6.27 8.28 2.15
CA THR A 33 -7.63 8.20 2.67
C THR A 33 -8.48 7.35 1.72
N ILE A 34 -8.30 7.54 0.41
CA ILE A 34 -9.06 6.76 -0.55
C ILE A 34 -8.78 5.27 -0.36
N LEU A 35 -7.51 4.93 -0.17
CA LEU A 35 -7.15 3.52 -0.02
C LEU A 35 -7.71 2.89 1.25
N LYS A 36 -7.61 3.60 2.37
CA LYS A 36 -8.13 3.07 3.62
C LYS A 36 -9.65 3.05 3.59
N LYS A 37 -10.26 4.12 3.07
CA LYS A 37 -11.71 4.18 2.98
C LYS A 37 -12.20 3.01 2.13
N PHE A 38 -11.52 2.77 1.02
CA PHE A 38 -11.89 1.68 0.12
C PHE A 38 -11.86 0.32 0.80
N ASN A 39 -10.92 0.13 1.72
CA ASN A 39 -10.78 -1.15 2.42
C ASN A 39 -11.55 -1.20 3.76
N GLY A 40 -12.47 -0.25 3.94
CA GLY A 40 -13.26 -0.24 5.16
C GLY A 40 -12.50 0.01 6.45
N GLU A 41 -11.40 0.75 6.35
CA GLU A 41 -10.58 1.04 7.52
C GLU A 41 -10.80 2.48 7.95
N ASP A 42 -10.48 2.79 9.20
CA ASP A 42 -10.65 4.14 9.73
C ASP A 42 -9.73 5.13 9.01
N VAL A 43 -10.27 6.32 8.71
CA VAL A 43 -9.50 7.36 8.01
C VAL A 43 -9.48 8.67 8.79
N ASP A 44 -9.32 8.58 10.10
CA ASP A 44 -9.29 9.78 10.94
C ASP A 44 -7.89 10.00 11.49
N THR A 45 -7.07 8.96 11.47
CA THR A 45 -5.71 9.03 11.96
C THR A 45 -4.72 8.85 10.82
N ILE A 46 -5.00 9.51 9.70
CA ILE A 46 -4.12 9.40 8.54
C ILE A 46 -3.11 10.54 8.51
N SER A 47 -1.84 10.19 8.37
CA SER A 47 -0.77 11.18 8.32
C SER A 47 -0.07 11.10 6.97
N PRO A 48 0.81 12.07 6.66
CA PRO A 48 1.51 12.05 5.39
C PRO A 48 2.32 10.77 5.17
N THR A 49 2.29 10.26 3.94
CA THR A 49 3.03 9.05 3.60
C THR A 49 4.43 9.44 3.20
N LEU A 50 5.41 8.93 3.93
CA LEU A 50 6.83 9.20 3.71
C LEU A 50 7.48 7.97 3.11
N GLY A 51 6.91 7.47 2.02
CA GLY A 51 7.42 6.27 1.40
C GLY A 51 6.20 5.72 0.69
N PHE A 52 5.98 4.41 0.75
CA PHE A 52 4.80 3.87 0.10
C PHE A 52 3.89 3.12 1.06
N ASN A 53 2.64 2.96 0.65
N ASN A 53 2.66 2.94 0.60
CA ASN A 53 1.62 2.21 1.40
CA ASN A 53 1.58 2.28 1.32
C ASN A 53 1.05 1.26 0.35
C ASN A 53 1.01 1.25 0.32
N ILE A 54 1.27 -0.03 0.57
CA ILE A 54 0.79 -1.07 -0.35
C ILE A 54 -0.26 -1.99 0.25
N LYS A 55 -1.38 -2.15 -0.45
CA LYS A 55 -2.44 -3.04 -0.01
C LYS A 55 -2.61 -4.12 -1.07
N THR A 56 -2.59 -5.37 -0.62
CA THR A 56 -2.79 -6.51 -1.50
C THR A 56 -4.15 -7.01 -1.08
N LEU A 57 -5.09 -7.07 -2.01
CA LEU A 57 -6.44 -7.53 -1.70
C LEU A 57 -7.15 -8.06 -2.92
N GLU A 58 -8.35 -8.61 -2.71
CA GLU A 58 -9.13 -9.13 -3.83
C GLU A 58 -10.43 -8.34 -3.92
N HIS A 59 -10.83 -8.03 -5.15
CA HIS A 59 -12.06 -7.28 -5.37
C HIS A 59 -12.70 -7.77 -6.65
N ARG A 60 -13.90 -8.32 -6.55
CA ARG A 60 -14.58 -8.82 -7.73
C ARG A 60 -13.75 -9.89 -8.42
N GLY A 61 -13.17 -10.79 -7.63
CA GLY A 61 -12.37 -11.86 -8.21
C GLY A 61 -10.97 -11.48 -8.65
N PHE A 62 -10.67 -10.17 -8.69
CA PHE A 62 -9.33 -9.73 -9.08
C PHE A 62 -8.45 -9.65 -7.85
N LYS A 63 -7.19 -10.03 -7.99
CA LYS A 63 -6.24 -9.91 -6.90
C LYS A 63 -5.49 -8.63 -7.24
N LEU A 64 -5.53 -7.65 -6.35
CA LEU A 64 -4.89 -6.38 -6.62
C LEU A 64 -3.74 -6.03 -5.68
N ASN A 65 -2.75 -5.35 -6.23
CA ASN A 65 -1.61 -4.86 -5.46
C ASN A 65 -1.69 -3.37 -5.70
N ILE A 66 -2.19 -2.62 -4.72
CA ILE A 66 -2.34 -1.18 -4.87
C ILE A 66 -1.25 -0.38 -4.16
N TRP A 67 -0.46 0.32 -4.96
CA TRP A 67 0.63 1.11 -4.43
C TRP A 67 0.28 2.60 -4.29
N ASP A 68 0.17 3.05 -3.05
CA ASP A 68 -0.10 4.46 -2.77
C ASP A 68 1.27 5.03 -2.42
N VAL A 69 1.87 5.78 -3.34
CA VAL A 69 3.20 6.34 -3.07
C VAL A 69 3.09 7.81 -2.68
N GLY A 70 3.86 8.22 -1.68
CA GLY A 70 3.85 9.61 -1.22
C GLY A 70 4.05 10.62 -2.33
N GLY A 71 3.31 11.71 -2.26
CA GLY A 71 3.38 12.73 -3.29
C GLY A 71 4.10 14.03 -2.95
N GLN A 72 4.72 14.10 -1.76
CA GLN A 72 5.47 15.30 -1.38
C GLN A 72 6.48 15.55 -2.52
N LYS A 73 6.88 16.80 -2.68
CA LYS A 73 7.83 17.15 -3.74
C LYS A 73 9.06 16.24 -3.70
N SER A 74 9.66 16.13 -2.53
CA SER A 74 10.86 15.32 -2.32
C SER A 74 10.72 13.86 -2.72
N LEU A 75 9.50 13.33 -2.70
CA LEU A 75 9.28 11.92 -3.02
C LEU A 75 8.97 11.61 -4.48
N ARG A 76 8.46 12.60 -5.22
CA ARG A 76 8.09 12.37 -6.61
C ARG A 76 9.23 11.88 -7.48
N SER A 77 10.44 12.28 -7.17
CA SER A 77 11.57 11.84 -7.98
C SER A 77 11.72 10.32 -7.94
N TYR A 78 11.14 9.68 -6.93
CA TYR A 78 11.24 8.23 -6.80
C TYR A 78 10.07 7.47 -7.44
N TRP A 79 9.02 8.20 -7.81
CA TRP A 79 7.86 7.60 -8.42
C TRP A 79 8.23 6.65 -9.56
N ARG A 80 9.19 7.05 -10.40
CA ARG A 80 9.58 6.23 -11.55
C ARG A 80 10.14 4.85 -11.21
N ASN A 81 10.56 4.66 -9.96
CA ASN A 81 11.10 3.37 -9.55
C ASN A 81 9.97 2.35 -9.34
N TYR A 82 8.73 2.80 -9.46
CA TYR A 82 7.61 1.91 -9.28
C TYR A 82 6.75 1.80 -10.54
N PHE A 83 7.24 2.31 -11.67
CA PHE A 83 6.45 2.25 -12.90
C PHE A 83 6.35 0.86 -13.51
N GLU A 84 7.44 0.11 -13.47
CA GLU A 84 7.47 -1.21 -14.06
C GLU A 84 6.30 -2.12 -13.74
N SER A 85 5.69 -2.65 -14.80
CA SER A 85 4.56 -3.58 -14.72
C SER A 85 3.27 -3.01 -14.13
N THR A 86 3.09 -1.70 -14.25
CA THR A 86 1.87 -1.08 -13.75
C THR A 86 0.76 -1.33 -14.76
N ASP A 87 -0.36 -1.86 -14.30
CA ASP A 87 -1.50 -2.14 -15.17
C ASP A 87 -2.46 -0.96 -15.18
N GLY A 88 -2.58 -0.31 -14.03
CA GLY A 88 -3.46 0.83 -13.93
C GLY A 88 -2.86 1.94 -13.10
N LEU A 89 -3.06 3.16 -13.57
CA LEU A 89 -2.58 4.34 -12.87
C LEU A 89 -3.79 5.08 -12.31
N ILE A 90 -3.76 5.39 -11.01
CA ILE A 90 -4.85 6.12 -10.39
C ILE A 90 -4.29 7.49 -10.00
N TRP A 91 -4.75 8.53 -10.69
CA TRP A 91 -4.27 9.89 -10.43
C TRP A 91 -5.29 10.63 -9.57
N VAL A 92 -4.92 10.91 -8.33
CA VAL A 92 -5.80 11.58 -7.38
C VAL A 92 -5.56 13.08 -7.33
N VAL A 93 -6.65 13.82 -7.46
CA VAL A 93 -6.60 15.28 -7.45
C VAL A 93 -7.47 15.85 -6.35
N ASP A 94 -6.97 16.90 -5.71
CA ASP A 94 -7.74 17.59 -4.68
C ASP A 94 -8.56 18.60 -5.49
N SER A 95 -9.84 18.28 -5.69
CA SER A 95 -10.74 19.12 -6.47
C SER A 95 -10.89 20.55 -5.96
N ALA A 96 -10.61 20.74 -4.68
CA ALA A 96 -10.74 22.06 -4.07
C ALA A 96 -9.42 22.83 -3.97
N ASP A 97 -8.35 22.29 -4.54
CA ASP A 97 -7.06 22.98 -4.50
C ASP A 97 -6.70 23.50 -5.88
N ARG A 98 -7.48 24.48 -6.31
CA ARG A 98 -7.34 25.14 -7.61
C ARG A 98 -5.93 25.69 -7.82
N GLN A 99 -5.26 26.02 -6.73
CA GLN A 99 -3.91 26.57 -6.79
C GLN A 99 -2.90 25.67 -7.48
N ARG A 100 -2.73 24.46 -6.97
CA ARG A 100 -1.77 23.52 -7.54
C ARG A 100 -2.33 22.71 -8.71
N MET A 101 -3.45 23.17 -9.26
CA MET A 101 -4.07 22.47 -10.36
C MET A 101 -3.16 22.50 -11.59
N GLN A 102 -2.33 23.53 -11.71
CA GLN A 102 -1.41 23.64 -12.83
C GLN A 102 -0.23 22.68 -12.68
N ASP A 103 0.28 22.57 -11.46
CA ASP A 103 1.39 21.66 -11.18
C ASP A 103 0.86 20.24 -11.34
N CYS A 104 -0.37 20.03 -10.88
CA CYS A 104 -1.02 18.72 -10.99
C CYS A 104 -1.04 18.33 -12.48
N GLN A 105 -1.45 19.26 -13.33
CA GLN A 105 -1.52 19.00 -14.77
C GLN A 105 -0.16 18.59 -15.31
N ARG A 106 0.88 19.36 -14.97
CA ARG A 106 2.20 19.05 -15.47
C ARG A 106 2.73 17.71 -15.02
N GLU A 107 2.50 17.35 -13.76
CA GLU A 107 2.95 16.06 -13.24
C GLU A 107 2.27 14.93 -14.00
N LEU A 108 0.97 15.05 -14.19
CA LEU A 108 0.20 14.03 -14.90
C LEU A 108 0.67 13.84 -16.34
N GLN A 109 0.70 14.93 -17.10
CA GLN A 109 1.13 14.81 -18.49
C GLN A 109 2.55 14.23 -18.57
N SER A 110 3.37 14.54 -17.57
CA SER A 110 4.72 13.99 -17.55
C SER A 110 4.62 12.46 -17.44
N LEU A 111 3.74 11.99 -16.57
CA LEU A 111 3.54 10.55 -16.39
C LEU A 111 3.01 9.87 -17.65
N LEU A 112 2.11 10.54 -18.35
CA LEU A 112 1.50 9.96 -19.55
C LEU A 112 2.45 9.72 -20.71
N VAL A 113 3.61 10.37 -20.69
CA VAL A 113 4.56 10.15 -21.77
C VAL A 113 5.70 9.23 -21.34
N GLU A 114 5.57 8.61 -20.16
CA GLU A 114 6.59 7.68 -19.67
C GLU A 114 6.46 6.35 -20.38
N GLU A 115 7.58 5.82 -20.88
CA GLU A 115 7.57 4.56 -21.60
C GLU A 115 7.15 3.35 -20.77
N ARG A 116 7.60 3.31 -19.52
CA ARG A 116 7.23 2.18 -18.66
C ARG A 116 5.80 2.22 -18.15
N LEU A 117 5.04 3.22 -18.57
CA LEU A 117 3.64 3.34 -18.20
C LEU A 117 2.73 3.28 -19.42
N ALA A 118 3.30 3.08 -20.60
CA ALA A 118 2.49 3.01 -21.82
C ALA A 118 1.40 1.94 -21.74
N GLY A 119 0.23 2.22 -22.28
CA GLY A 119 -0.86 1.25 -22.24
C GLY A 119 -1.60 1.13 -20.92
N ALA A 120 -1.01 1.62 -19.83
CA ALA A 120 -1.67 1.54 -18.53
C ALA A 120 -3.00 2.32 -18.55
N THR A 121 -4.03 1.76 -17.95
CA THR A 121 -5.31 2.44 -17.89
C THR A 121 -5.25 3.58 -16.89
N LEU A 122 -5.85 4.71 -17.22
CA LEU A 122 -5.84 5.86 -16.34
C LEU A 122 -7.17 6.20 -15.70
N LEU A 123 -7.19 6.23 -14.37
CA LEU A 123 -8.38 6.61 -13.63
C LEU A 123 -8.05 7.92 -12.92
N ILE A 124 -8.81 8.96 -13.19
CA ILE A 124 -8.58 10.23 -12.51
C ILE A 124 -9.64 10.39 -11.44
N PHE A 125 -9.21 10.44 -10.18
CA PHE A 125 -10.13 10.64 -9.08
C PHE A 125 -10.15 12.12 -8.71
N ALA A 126 -11.23 12.82 -9.05
CA ALA A 126 -11.34 14.24 -8.68
C ALA A 126 -11.93 14.14 -7.27
N ASN A 127 -11.03 14.00 -6.30
CA ASN A 127 -11.38 13.83 -4.90
C ASN A 127 -11.77 15.10 -4.13
N LYS A 128 -12.34 14.89 -2.95
CA LYS A 128 -12.79 15.97 -2.07
C LYS A 128 -13.98 16.73 -2.66
N GLN A 129 -14.85 16.01 -3.36
CA GLN A 129 -16.03 16.64 -3.95
C GLN A 129 -17.02 17.06 -2.86
N ASP A 130 -16.73 16.69 -1.62
CA ASP A 130 -17.58 17.04 -0.49
C ASP A 130 -17.23 18.45 0.00
N LEU A 131 -16.18 19.03 -0.59
CA LEU A 131 -15.76 20.38 -0.21
C LEU A 131 -16.46 21.44 -1.04
N PRO A 132 -16.78 22.59 -0.43
CA PRO A 132 -17.46 23.72 -1.06
C PRO A 132 -16.93 24.16 -2.42
N GLY A 133 -15.67 24.58 -2.46
CA GLY A 133 -15.07 25.06 -3.70
C GLY A 133 -14.53 24.00 -4.63
N ALA A 134 -15.12 22.80 -4.59
CA ALA A 134 -14.66 21.72 -5.45
C ALA A 134 -15.05 21.94 -6.91
N LEU A 135 -14.04 22.02 -7.77
CA LEU A 135 -14.28 22.21 -9.18
C LEU A 135 -15.06 21.01 -9.73
N SER A 136 -15.79 21.21 -10.80
CA SER A 136 -16.56 20.13 -11.42
C SER A 136 -15.61 19.18 -12.12
N CME A 137 -16.13 18.05 -12.58
CA CME A 137 -15.32 17.09 -13.31
CB CME A 137 -16.07 15.78 -13.48
SG CME A 137 -15.84 14.64 -12.10
SD CME A 137 -16.49 15.68 -10.48
CE CME A 137 -18.24 15.25 -10.37
CZ CME A 137 -19.20 16.27 -10.98
OH CME A 137 -19.17 16.53 -12.19
C CME A 137 -14.96 17.69 -14.66
O CME A 137 -13.87 17.48 -15.18
N ASN A 138 -15.89 18.44 -15.24
CA ASN A 138 -15.64 19.05 -16.54
C ASN A 138 -14.49 20.05 -16.44
N ALA A 139 -14.46 20.80 -15.33
CA ALA A 139 -13.43 21.80 -15.10
C ALA A 139 -12.06 21.15 -14.96
N ILE A 140 -12.03 20.06 -14.21
CA ILE A 140 -10.79 19.34 -13.99
C ILE A 140 -10.37 18.65 -15.29
N GLN A 141 -11.36 18.17 -16.04
CA GLN A 141 -11.08 17.53 -17.30
C GLN A 141 -10.37 18.52 -18.20
N GLU A 142 -10.78 19.79 -18.12
CA GLU A 142 -10.16 20.83 -18.93
C GLU A 142 -8.82 21.29 -18.39
N ALA A 143 -8.77 21.53 -17.09
CA ALA A 143 -7.54 22.00 -16.45
C ALA A 143 -6.38 21.01 -16.56
N LEU A 144 -6.70 19.72 -16.69
CA LEU A 144 -5.67 18.69 -16.80
C LEU A 144 -5.41 18.26 -18.25
N GLU A 145 -6.15 18.84 -19.19
CA GLU A 145 -6.00 18.50 -20.62
C GLU A 145 -6.20 17.02 -20.91
N LEU A 146 -7.18 16.41 -20.27
CA LEU A 146 -7.44 14.99 -20.47
C LEU A 146 -7.89 14.65 -21.90
N ASP A 147 -8.57 15.59 -22.55
CA ASP A 147 -9.06 15.34 -23.91
C ASP A 147 -7.93 15.10 -24.92
N SER A 148 -6.74 15.59 -24.61
CA SER A 148 -5.60 15.42 -25.50
C SER A 148 -4.96 14.05 -25.30
N ILE A 149 -5.26 13.42 -24.16
CA ILE A 149 -4.72 12.10 -23.82
C ILE A 149 -5.23 11.11 -24.82
N ARG A 150 -4.36 10.33 -25.39
CA ARG A 150 -4.83 9.42 -26.42
C ARG A 150 -3.98 8.15 -26.46
N SER A 151 -2.97 8.10 -25.58
CA SER A 151 -2.08 6.95 -25.48
C SER A 151 -2.56 6.07 -24.35
N HIS A 152 -3.62 6.51 -23.67
CA HIS A 152 -4.16 5.74 -22.54
C HIS A 152 -5.68 5.82 -22.43
N HIS A 153 -6.32 4.71 -22.09
CA HIS A 153 -7.77 4.77 -21.88
C HIS A 153 -7.86 5.54 -20.56
N TRP A 154 -8.84 6.41 -20.43
CA TRP A 154 -8.98 7.17 -19.20
C TRP A 154 -10.42 7.51 -18.88
N ARG A 155 -10.65 7.81 -17.61
CA ARG A 155 -11.97 8.18 -17.12
C ARG A 155 -11.80 9.01 -15.86
N ILE A 156 -12.54 10.12 -15.79
CA ILE A 156 -12.50 10.96 -14.62
C ILE A 156 -13.71 10.61 -13.76
N GLN A 157 -13.48 10.44 -12.47
CA GLN A 157 -14.52 10.09 -11.53
C GLN A 157 -14.49 11.00 -10.31
N GLY A 158 -15.52 11.82 -10.14
CA GLY A 158 -15.57 12.69 -8.99
C GLY A 158 -15.85 11.79 -7.79
N CYS A 159 -15.30 12.12 -6.62
CA CYS A 159 -15.51 11.31 -5.44
C CYS A 159 -15.16 12.04 -4.14
N SER A 160 -15.46 11.38 -3.02
CA SER A 160 -15.15 11.91 -1.71
C SER A 160 -14.55 10.76 -0.92
N ALA A 161 -13.27 10.87 -0.57
CA ALA A 161 -12.61 9.82 0.18
C ALA A 161 -13.08 9.74 1.64
N VAL A 162 -13.53 10.87 2.19
CA VAL A 162 -13.99 10.87 3.58
C VAL A 162 -15.34 10.16 3.76
N THR A 163 -16.26 10.38 2.83
CA THR A 163 -17.57 9.73 2.91
C THR A 163 -17.55 8.40 2.16
N GLY A 164 -16.61 8.27 1.23
CA GLY A 164 -16.49 7.04 0.46
C GLY A 164 -17.35 7.04 -0.80
N GLU A 165 -18.03 8.16 -1.02
CA GLU A 165 -18.91 8.30 -2.17
C GLU A 165 -18.23 8.21 -3.54
N ASP A 166 -18.72 7.30 -4.37
CA ASP A 166 -18.23 7.07 -5.72
C ASP A 166 -16.83 6.50 -5.88
N LEU A 167 -16.26 5.93 -4.83
CA LEU A 167 -14.94 5.34 -4.97
C LEU A 167 -15.03 4.07 -5.82
N LEU A 168 -16.02 3.22 -5.51
CA LEU A 168 -16.20 1.97 -6.24
C LEU A 168 -16.44 2.15 -7.74
N PRO A 169 -17.33 3.09 -8.13
CA PRO A 169 -17.60 3.32 -9.55
C PRO A 169 -16.30 3.55 -10.33
N GLY A 170 -15.37 4.27 -9.72
CA GLY A 170 -14.10 4.54 -10.36
C GLY A 170 -13.24 3.30 -10.45
N ILE A 171 -13.05 2.63 -9.31
CA ILE A 171 -12.23 1.42 -9.28
C ILE A 171 -12.79 0.32 -10.19
N ASP A 172 -14.10 0.09 -10.11
CA ASP A 172 -14.75 -0.93 -10.92
C ASP A 172 -14.55 -0.71 -12.42
N TRP A 173 -14.64 0.54 -12.87
CA TRP A 173 -14.43 0.81 -14.28
C TRP A 173 -12.99 0.46 -14.63
N LEU A 174 -12.05 0.92 -13.79
CA LEU A 174 -10.63 0.67 -14.01
C LEU A 174 -10.31 -0.81 -14.20
N LEU A 175 -10.89 -1.66 -13.36
CA LEU A 175 -10.62 -3.09 -13.45
C LEU A 175 -11.21 -3.69 -14.73
N ASP A 176 -12.40 -3.22 -15.12
CA ASP A 176 -13.02 -3.74 -16.33
C ASP A 176 -12.21 -3.35 -17.57
N ASP A 177 -11.67 -2.14 -17.59
CA ASP A 177 -10.89 -1.71 -18.73
C ASP A 177 -9.56 -2.47 -18.82
N ILE A 178 -8.88 -2.63 -17.69
CA ILE A 178 -7.61 -3.34 -17.68
C ILE A 178 -7.77 -4.79 -18.12
N SER A 179 -8.79 -5.45 -17.61
CA SER A 179 -9.03 -6.86 -17.95
C SER A 179 -9.27 -7.06 -19.44
N SER A 180 -9.84 -6.07 -20.11
CA SER A 180 -10.12 -6.16 -21.54
C SER A 180 -8.87 -5.97 -22.40
N ARG A 181 -7.70 -6.12 -21.79
CA ARG A 181 -6.43 -5.96 -22.50
C ARG A 181 -5.54 -7.18 -22.32
N SER B 4 35.40 -4.80 3.79
CA SER B 4 35.19 -4.36 2.38
C SER B 4 34.06 -3.34 2.30
N ALA B 5 34.04 -2.54 1.25
CA ALA B 5 33.02 -1.52 1.06
C ALA B 5 31.63 -2.15 1.02
N LYS B 6 31.54 -3.29 0.34
CA LYS B 6 30.27 -4.00 0.21
C LYS B 6 29.74 -4.43 1.58
N ASP B 7 30.61 -5.01 2.41
CA ASP B 7 30.19 -5.45 3.74
C ASP B 7 29.79 -4.23 4.56
N GLU B 8 30.52 -3.14 4.40
CA GLU B 8 30.25 -1.92 5.14
C GLU B 8 28.89 -1.31 4.78
N ARG B 9 28.52 -1.43 3.51
CA ARG B 9 27.25 -0.89 3.04
C ARG B 9 26.10 -1.74 3.56
N ALA B 10 26.28 -3.05 3.57
CA ALA B 10 25.23 -3.94 4.06
C ALA B 10 24.98 -3.73 5.56
N ARG B 11 26.02 -3.33 6.29
CA ARG B 11 25.87 -3.09 7.72
C ARG B 11 25.06 -1.82 7.93
N GLU B 12 25.19 -0.88 7.00
CA GLU B 12 24.45 0.37 7.07
C GLU B 12 22.98 0.06 6.81
N ILE B 13 22.74 -0.85 5.85
CA ILE B 13 21.37 -1.24 5.50
C ILE B 13 20.68 -1.91 6.68
N LEU B 14 21.35 -2.89 7.29
CA LEU B 14 20.78 -3.59 8.43
C LEU B 14 20.54 -2.65 9.60
N ARG B 15 21.53 -1.83 9.91
CA ARG B 15 21.46 -0.88 11.01
C ARG B 15 20.37 0.19 10.85
N GLY B 16 20.02 0.49 9.61
CA GLY B 16 19.01 1.52 9.37
C GLY B 16 17.59 1.00 9.18
N PHE B 17 17.42 -0.31 9.26
CA PHE B 17 16.08 -0.88 9.08
C PHE B 17 15.39 -1.11 10.42
N LYS B 18 14.08 -0.91 10.43
CA LYS B 18 13.30 -1.09 11.63
C LYS B 18 11.83 -1.40 11.35
N LEU B 19 11.34 -2.46 11.98
CA LEU B 19 9.95 -2.88 11.86
C LEU B 19 9.25 -2.17 13.01
N ASN B 20 8.52 -1.10 12.72
CA ASN B 20 7.85 -0.33 13.75
C ASN B 20 6.67 -1.06 14.40
N TRP B 21 5.77 -1.61 13.58
CA TRP B 21 4.64 -2.34 14.12
C TRP B 21 4.00 -3.29 13.13
N MET B 22 3.19 -4.20 13.68
CA MET B 22 2.48 -5.19 12.90
C MET B 22 1.11 -5.34 13.56
N ASN B 23 0.07 -5.55 12.76
CA ASN B 23 -1.26 -5.72 13.32
C ASN B 23 -2.07 -6.76 12.57
N LEU B 24 -3.19 -7.12 13.18
CA LEU B 24 -4.11 -8.09 12.61
C LEU B 24 -5.50 -7.45 12.67
N ARG B 25 -6.19 -7.43 11.54
CA ARG B 25 -7.51 -6.86 11.46
C ARG B 25 -8.52 -7.89 11.01
N ASP B 26 -9.78 -7.63 11.33
CA ASP B 26 -10.87 -8.47 10.87
C ASP B 26 -11.17 -7.74 9.56
N ALA B 27 -10.86 -8.38 8.43
CA ALA B 27 -11.06 -7.74 7.13
C ALA B 27 -12.50 -7.29 6.88
N GLU B 28 -13.46 -8.10 7.30
CA GLU B 28 -14.86 -7.78 7.11
C GLU B 28 -15.24 -6.42 7.68
N THR B 29 -14.76 -6.13 8.88
CA THR B 29 -15.08 -4.87 9.55
C THR B 29 -13.97 -3.83 9.50
N GLY B 30 -12.75 -4.28 9.24
CA GLY B 30 -11.64 -3.35 9.18
C GLY B 30 -11.19 -2.96 10.57
N LYS B 31 -11.62 -3.73 11.57
CA LYS B 31 -11.25 -3.45 12.94
C LYS B 31 -10.00 -4.21 13.37
N ILE B 32 -9.06 -3.49 13.97
CA ILE B 32 -7.82 -4.11 14.42
C ILE B 32 -8.09 -5.03 15.59
N LEU B 33 -7.66 -6.28 15.48
CA LEU B 33 -7.83 -7.26 16.55
C LEU B 33 -6.63 -7.22 17.48
N TRP B 34 -5.48 -6.88 16.92
CA TRP B 34 -4.24 -6.79 17.69
C TRP B 34 -3.14 -6.07 16.90
N GLN B 35 -2.42 -5.18 17.58
CA GLN B 35 -1.31 -4.46 16.96
C GLN B 35 -0.14 -4.41 17.92
N GLY B 36 0.98 -4.99 17.50
CA GLY B 36 2.18 -4.98 18.32
C GLY B 36 3.12 -3.90 17.82
N THR B 37 3.65 -3.10 18.73
CA THR B 37 4.56 -2.03 18.35
C THR B 37 5.97 -2.19 18.89
N GLU B 38 6.25 -1.50 19.99
CA GLU B 38 7.55 -1.50 20.65
C GLU B 38 8.50 -2.66 20.39
N ASP B 39 9.68 -2.30 19.89
CA ASP B 39 10.77 -3.21 19.56
C ASP B 39 10.37 -4.63 19.18
N LEU B 40 9.89 -4.80 17.95
CA LEU B 40 9.48 -6.11 17.46
C LEU B 40 10.67 -6.94 17.05
N SER B 41 11.79 -6.28 16.78
CA SER B 41 13.01 -6.98 16.38
C SER B 41 14.16 -6.72 17.33
N VAL B 42 13.85 -6.65 18.63
CA VAL B 42 14.87 -6.42 19.65
C VAL B 42 15.28 -7.77 20.24
N PRO B 43 16.59 -7.97 20.50
CA PRO B 43 17.13 -9.21 21.05
C PRO B 43 16.70 -9.56 22.47
N GLY B 44 16.90 -10.82 22.84
CA GLY B 44 16.57 -11.30 24.17
C GLY B 44 15.10 -11.27 24.51
N VAL B 45 14.25 -11.21 23.49
CA VAL B 45 12.83 -11.18 23.74
C VAL B 45 12.06 -12.05 22.77
N GLU B 46 11.27 -12.96 23.32
CA GLU B 46 10.44 -13.84 22.51
C GLU B 46 9.18 -13.02 22.26
N HIS B 47 9.13 -12.34 21.13
CA HIS B 47 7.99 -11.51 20.81
C HIS B 47 6.73 -12.37 20.77
N GLU B 48 5.66 -11.88 21.37
CA GLU B 48 4.42 -12.65 21.41
C GLU B 48 3.22 -11.74 21.18
N ALA B 49 2.08 -12.34 20.92
CA ALA B 49 0.86 -11.57 20.68
C ALA B 49 -0.36 -12.25 21.27
N ARG B 50 -1.11 -11.49 22.06
CA ARG B 50 -2.33 -11.96 22.69
C ARG B 50 -3.49 -11.43 21.85
N VAL B 51 -3.97 -12.26 20.93
CA VAL B 51 -5.07 -11.85 20.06
C VAL B 51 -6.35 -12.60 20.36
N PRO B 52 -7.50 -11.90 20.30
CA PRO B 52 -8.79 -12.54 20.58
C PRO B 52 -8.94 -13.80 19.75
N LYS B 53 -9.32 -14.90 20.38
CA LYS B 53 -9.47 -16.17 19.67
C LYS B 53 -10.55 -16.15 18.60
N LYS B 54 -11.45 -15.16 18.68
CA LYS B 54 -12.50 -15.07 17.68
C LYS B 54 -11.91 -14.92 16.28
N ILE B 55 -10.65 -14.50 16.22
CA ILE B 55 -9.97 -14.32 14.93
C ILE B 55 -9.91 -15.66 14.20
N LEU B 56 -10.04 -16.74 14.96
CA LEU B 56 -10.01 -18.08 14.38
C LEU B 56 -11.31 -18.36 13.65
N LYS B 57 -12.28 -17.46 13.81
CA LYS B 57 -13.58 -17.62 13.17
C LYS B 57 -13.73 -16.67 11.99
N CYS B 58 -12.77 -15.77 11.82
CA CYS B 58 -12.80 -14.82 10.72
C CYS B 58 -12.51 -15.52 9.40
N LYS B 59 -13.31 -15.23 8.37
CA LYS B 59 -13.07 -15.86 7.08
C LYS B 59 -12.05 -14.99 6.35
N ALA B 60 -11.92 -13.74 6.81
CA ALA B 60 -10.99 -12.79 6.21
C ALA B 60 -10.21 -11.99 7.25
N VAL B 61 -8.90 -12.12 7.22
CA VAL B 61 -8.03 -11.41 8.14
C VAL B 61 -7.00 -10.63 7.34
N SER B 62 -6.74 -9.39 7.76
CA SER B 62 -5.73 -8.59 7.08
C SER B 62 -4.58 -8.43 8.07
N ARG B 63 -3.36 -8.43 7.56
CA ARG B 63 -2.19 -8.28 8.41
C ARG B 63 -1.39 -7.14 7.83
N GLU B 64 -1.06 -6.16 8.67
CA GLU B 64 -0.32 -4.99 8.20
C GLU B 64 1.03 -4.84 8.91
N LEU B 65 2.01 -4.32 8.18
CA LEU B 65 3.37 -4.12 8.68
C LEU B 65 3.79 -2.70 8.32
N ASN B 66 4.54 -2.07 9.23
CA ASN B 66 5.04 -0.71 8.99
C ASN B 66 6.53 -0.75 9.31
N PHE B 67 7.35 -0.43 8.31
CA PHE B 67 8.80 -0.46 8.50
C PHE B 67 9.52 0.79 7.99
N SER B 68 10.69 1.06 8.56
CA SER B 68 11.48 2.20 8.17
C SER B 68 12.84 1.78 7.67
N SER B 69 13.41 2.59 6.79
CA SER B 69 14.74 2.32 6.24
C SER B 69 15.50 3.63 6.00
N THR B 70 16.59 3.83 6.73
CA THR B 70 17.37 5.05 6.52
C THR B 70 18.05 4.94 5.16
N GLU B 71 18.44 3.72 4.82
CA GLU B 71 19.14 3.48 3.58
C GLU B 71 18.22 3.11 2.42
N GLN B 72 18.67 3.46 1.22
CA GLN B 72 17.94 3.14 0.00
C GLN B 72 18.23 1.67 -0.32
N MET B 73 17.23 0.96 -0.85
CA MET B 73 17.42 -0.43 -1.23
C MET B 73 16.78 -0.62 -2.60
N GLU B 74 17.39 -1.48 -3.41
CA GLU B 74 16.93 -1.71 -4.77
C GLU B 74 16.07 -2.94 -5.03
N LYS B 75 16.31 -4.02 -4.30
CA LYS B 75 15.54 -5.25 -4.55
C LYS B 75 14.95 -5.79 -3.26
N PHE B 76 14.25 -4.93 -2.53
CA PHE B 76 13.66 -5.31 -1.24
C PHE B 76 12.45 -6.21 -1.37
N ARG B 77 12.33 -7.16 -0.44
CA ARG B 77 11.21 -8.08 -0.46
C ARG B 77 11.00 -8.68 0.92
N LEU B 78 9.84 -9.29 1.12
CA LEU B 78 9.59 -9.93 2.41
C LEU B 78 9.04 -11.34 2.21
N GLU B 79 9.34 -12.20 3.18
CA GLU B 79 8.89 -13.57 3.18
C GLU B 79 8.22 -13.78 4.52
N GLN B 80 6.92 -14.04 4.51
CA GLN B 80 6.24 -14.28 5.78
C GLN B 80 5.60 -15.65 5.80
N LYS B 81 5.95 -16.42 6.81
CA LYS B 81 5.41 -17.76 6.96
C LYS B 81 4.83 -17.90 8.36
N VAL B 82 3.66 -18.52 8.45
CA VAL B 82 3.01 -18.75 9.73
C VAL B 82 3.02 -20.27 9.92
N TYR B 83 3.58 -20.72 11.04
CA TYR B 83 3.66 -22.15 11.31
C TYR B 83 2.89 -22.58 12.53
N PHE B 84 2.53 -23.86 12.54
CA PHE B 84 1.90 -24.50 13.67
C PHE B 84 2.95 -25.59 13.87
N LYS B 85 3.86 -25.38 14.81
CA LYS B 85 4.94 -26.32 15.03
C LYS B 85 5.70 -26.39 13.72
N GLY B 86 5.68 -27.53 13.04
CA GLY B 86 6.42 -27.65 11.79
C GLY B 86 5.60 -27.48 10.53
N GLN B 87 4.28 -27.60 10.64
CA GLN B 87 3.42 -27.47 9.47
C GLN B 87 3.12 -26.02 9.08
N CME B 88 2.95 -25.81 7.78
CA CME B 88 2.69 -24.49 7.24
CB CME B 88 3.24 -24.40 5.84
SG CME B 88 3.62 -22.75 5.28
SD CME B 88 5.17 -22.28 6.50
CE CME B 88 6.55 -23.18 5.75
CZ CME B 88 7.14 -22.60 4.49
OH CME B 88 8.33 -22.81 4.22
C CME B 88 1.22 -24.13 7.19
O CME B 88 0.42 -24.83 6.58
N LEU B 89 0.87 -23.02 7.82
CA LEU B 89 -0.50 -22.56 7.83
C LEU B 89 -0.64 -21.50 6.73
N GLU B 90 0.37 -20.66 6.59
CA GLU B 90 0.38 -19.60 5.59
C GLU B 90 1.80 -19.25 5.16
N GLU B 91 1.91 -18.71 3.94
CA GLU B 91 3.18 -18.23 3.44
C GLU B 91 2.89 -17.14 2.41
N TRP B 92 3.50 -15.99 2.65
CA TRP B 92 3.31 -14.84 1.78
C TRP B 92 4.64 -14.33 1.31
N PHE B 93 4.66 -13.83 0.09
CA PHE B 93 5.87 -13.28 -0.46
C PHE B 93 5.46 -11.96 -1.10
N PHE B 94 6.40 -11.03 -1.16
CA PHE B 94 6.11 -9.76 -1.80
C PHE B 94 7.37 -9.02 -2.17
N GLU B 95 7.45 -8.65 -3.44
CA GLU B 95 8.60 -7.92 -3.94
C GLU B 95 8.27 -6.43 -3.95
N PHE B 96 8.95 -5.67 -3.09
CA PHE B 96 8.75 -4.22 -3.03
C PHE B 96 9.64 -3.57 -4.08
N GLY B 97 10.87 -4.07 -4.18
CA GLY B 97 11.83 -3.52 -5.12
C GLY B 97 12.52 -2.33 -4.48
N PHE B 98 12.28 -1.14 -5.03
CA PHE B 98 12.90 0.08 -4.52
C PHE B 98 12.30 0.55 -3.19
N VAL B 99 13.18 0.96 -2.29
CA VAL B 99 12.79 1.50 -1.00
C VAL B 99 13.51 2.83 -0.88
N ILE B 100 12.74 3.88 -0.65
CA ILE B 100 13.24 5.24 -0.55
C ILE B 100 14.09 5.48 0.70
N PRO B 101 15.21 6.23 0.56
CA PRO B 101 16.03 6.48 1.74
C PRO B 101 15.24 7.28 2.77
N ASN B 102 15.46 6.97 4.05
CA ASN B 102 14.77 7.65 5.15
C ASN B 102 13.26 7.64 4.96
N SER B 103 12.73 6.48 4.60
CA SER B 103 11.32 6.33 4.38
C SER B 103 10.68 5.46 5.45
N THR B 104 9.36 5.57 5.58
CA THR B 104 8.56 4.75 6.48
C THR B 104 7.48 4.22 5.55
N ASN B 105 7.34 2.91 5.52
CA ASN B 105 6.44 2.24 4.58
C ASN B 105 5.47 1.24 5.21
N THR B 106 4.36 0.97 4.53
CA THR B 106 3.42 0.01 5.08
C THR B 106 3.05 -1.01 3.99
N TRP B 107 2.78 -2.23 4.44
CA TRP B 107 2.40 -3.31 3.54
C TRP B 107 1.27 -4.05 4.23
N GLN B 108 0.25 -4.42 3.46
CA GLN B 108 -0.87 -5.14 4.05
C GLN B 108 -1.40 -6.17 3.08
N SER B 109 -1.74 -7.34 3.60
CA SER B 109 -2.30 -8.42 2.80
C SER B 109 -3.62 -8.90 3.43
N LEU B 110 -4.59 -9.22 2.58
CA LEU B 110 -5.90 -9.68 3.06
C LEU B 110 -5.98 -11.22 3.03
N ILE B 111 -5.60 -11.83 4.14
CA ILE B 111 -5.57 -13.28 4.31
C ILE B 111 -6.93 -13.98 4.38
N GLU B 112 -7.14 -14.94 3.50
CA GLU B 112 -8.39 -15.70 3.45
C GLU B 112 -8.15 -17.15 3.90
N MET B 120 -8.48 -26.51 13.89
CA MET B 120 -7.79 -26.76 15.15
C MET B 120 -8.32 -25.83 16.25
N PRO B 121 -8.64 -26.39 17.42
CA PRO B 121 -9.16 -25.73 18.64
C PRO B 121 -8.71 -24.30 18.91
N ALA B 122 -7.85 -24.15 19.91
CA ALA B 122 -7.34 -22.85 20.32
C ALA B 122 -6.33 -23.13 21.41
N SER B 123 -6.54 -24.24 22.11
CA SER B 123 -5.64 -24.66 23.18
C SER B 123 -4.45 -25.34 22.53
N VAL B 124 -4.69 -25.93 21.36
CA VAL B 124 -3.63 -26.61 20.62
C VAL B 124 -2.81 -25.61 19.82
N LEU B 125 -3.47 -24.55 19.35
CA LEU B 125 -2.81 -23.52 18.57
C LEU B 125 -2.06 -22.54 19.47
N THR B 126 -2.79 -21.91 20.39
CA THR B 126 -2.20 -20.93 21.29
C THR B 126 -0.82 -21.35 21.79
N GLY B 127 0.13 -20.43 21.69
CA GLY B 127 1.49 -20.70 22.13
C GLY B 127 2.31 -21.52 21.16
N ASN B 128 1.65 -22.12 20.17
CA ASN B 128 2.34 -22.95 19.18
C ASN B 128 2.31 -22.37 17.76
N VAL B 129 1.81 -21.14 17.64
CA VAL B 129 1.74 -20.48 16.35
C VAL B 129 2.79 -19.37 16.25
N ILE B 130 3.60 -19.43 15.21
CA ILE B 130 4.65 -18.45 15.00
C ILE B 130 4.50 -17.77 13.64
N ILE B 131 4.64 -16.45 13.64
CA ILE B 131 4.60 -15.66 12.41
C ILE B 131 6.04 -15.23 12.21
N GLU B 132 6.68 -15.74 11.16
CA GLU B 132 8.07 -15.40 10.90
C GLU B 132 8.16 -14.54 9.65
N THR B 133 8.64 -13.32 9.83
CA THR B 133 8.80 -12.40 8.72
C THR B 133 10.27 -12.15 8.44
N LYS B 134 10.67 -12.38 7.20
CA LYS B 134 12.06 -12.15 6.83
C LYS B 134 12.11 -11.12 5.72
N PHE B 135 12.96 -10.12 5.89
CA PHE B 135 13.13 -9.07 4.90
C PHE B 135 14.49 -9.18 4.23
N PHE B 136 14.49 -9.15 2.90
CA PHE B 136 15.72 -9.27 2.12
C PHE B 136 15.89 -8.14 1.12
N ASP B 137 17.14 -7.87 0.76
CA ASP B 137 17.46 -6.90 -0.27
C ASP B 137 18.23 -7.83 -1.19
N ASP B 138 17.50 -8.38 -2.16
CA ASP B 138 18.03 -9.37 -3.09
C ASP B 138 18.26 -10.59 -2.22
N ASP B 139 19.52 -10.87 -1.86
CA ASP B 139 19.79 -12.03 -1.01
C ASP B 139 20.45 -11.68 0.31
N LEU B 140 20.45 -10.40 0.66
CA LEU B 140 21.00 -9.97 1.93
C LEU B 140 19.87 -9.96 2.96
N LEU B 141 20.02 -10.77 4.01
CA LEU B 141 19.01 -10.82 5.06
C LEU B 141 19.09 -9.51 5.85
N VAL B 142 18.09 -8.66 5.71
CA VAL B 142 18.08 -7.39 6.40
C VAL B 142 17.53 -7.47 7.80
N SER B 143 16.53 -8.33 7.98
CA SER B 143 15.92 -8.48 9.29
C SER B 143 15.00 -9.69 9.39
N THR B 144 14.94 -10.27 10.59
CA THR B 144 14.09 -11.41 10.84
C THR B 144 13.22 -11.13 12.06
N SER B 145 11.94 -11.51 11.95
CA SER B 145 10.98 -11.29 13.03
C SER B 145 10.17 -12.54 13.32
N ARG B 146 10.02 -12.85 14.60
CA ARG B 146 9.22 -13.99 15.02
C ARG B 146 8.27 -13.48 16.08
N VAL B 147 7.00 -13.87 15.94
CA VAL B 147 5.96 -13.47 16.88
C VAL B 147 5.16 -14.73 17.17
N ARG B 148 5.16 -15.14 18.44
CA ARG B 148 4.43 -16.33 18.85
C ARG B 148 3.02 -15.88 19.20
N LEU B 149 2.01 -16.57 18.67
CA LEU B 149 0.63 -16.18 18.94
C LEU B 149 -0.05 -16.93 20.07
N PHE B 150 -0.82 -16.17 20.83
CA PHE B 150 -1.60 -16.69 21.94
C PHE B 150 -3.00 -16.13 21.73
N TYR B 151 -3.98 -17.02 21.58
CA TYR B 151 -5.35 -16.60 21.36
C TYR B 151 -6.08 -16.34 22.66
N VAL B 152 -6.33 -15.07 22.93
CA VAL B 152 -6.99 -14.58 24.14
C VAL B 152 -6.00 -14.64 25.31
MG MG C . -0.47 9.45 1.85
P PO4 D . 1.41 12.18 0.76
O1 PO4 D . 0.78 11.26 1.71
O2 PO4 D . 1.05 13.57 1.12
O3 PO4 D . 0.93 11.88 -0.61
O4 PO4 D . 2.90 12.04 0.83
PB GDP E . -2.39 12.00 0.49
O1B GDP E . -2.05 10.64 0.93
O2B GDP E . -1.33 13.07 0.76
O3B GDP E . -2.70 12.30 -0.98
O3A GDP E . -3.54 12.63 1.38
PA GDP E . -4.29 12.15 2.55
O1A GDP E . -5.11 10.90 2.25
O2A GDP E . -3.35 11.77 3.67
O5' GDP E . -5.21 13.31 2.86
C5' GDP E . -4.69 14.59 3.21
C4' GDP E . -5.76 15.39 4.06
O4' GDP E . -6.92 15.57 3.29
C3' GDP E . -6.17 14.64 5.35
O3' GDP E . -6.35 15.73 6.29
C2' GDP E . -7.49 13.99 4.96
O2' GDP E . -8.41 13.70 6.02
C1' GDP E . -8.06 14.99 3.94
N9 GDP E . -8.85 14.33 2.89
C8 GDP E . -8.52 13.27 2.03
N7 GDP E . -9.51 12.96 1.20
C5 GDP E . -10.59 13.87 1.51
C6 GDP E . -12.02 14.13 0.99
O6 GDP E . -12.50 13.48 0.08
N1 GDP E . -12.83 15.12 1.52
C2 GDP E . -12.42 15.96 2.57
N2 GDP E . -13.21 16.90 3.08
N3 GDP E . -11.11 15.72 3.05
C4 GDP E . -10.19 14.68 2.51
#